data_8PQH
#
_entry.id   8PQH
#
_cell.length_a   52.270
_cell.length_b   73.260
_cell.length_c   102.590
_cell.angle_alpha   90.000
_cell.angle_beta   90.000
_cell.angle_gamma   90.000
#
_symmetry.space_group_name_H-M   'P 21 21 21'
#
loop_
_entity.id
_entity.type
_entity.pdbx_description
1 polymer 'Platelet-derived growth factor receptor alpha'
2 non-polymer Avapritinib
3 non-polymer DI(HYDROXYETHYL)ETHER
4 water water
#
_entity_poly.entity_id   1
_entity_poly.type   'polypeptide(L)'
_entity_poly.pdbx_seq_one_letter_code
;KQKPRYEIRWRVIESISPDGHEYIYVDPMQLPYDSRWEFPRDGLVLGRVLGSGAFGKVVEGTAYGLSRSQPVMKVAVKML
KPTARSSEKQALMSELKIMTHLGPHLNIVNLLGACTKSGPIYIIIEYCFYGDLVNYLHKNRDSFLSHKKKSMLDSEVKNL
LSDDNSEGLTLLDLLSFTYQVARGMEFLASKNCVHRDLAARNVLLAQGKIVKICDFGLARDIMHDSNYVSKGSTFLPVKW
MAPESIFDNLYTTLSDVWSYGILLWEIFSLGGTPYPGMMVDSTFYNKIKSGYRMAKPDHATSEVYEIMVKCWNSEPEKRP
SFYHLSEIVENLLPGQYKKSYEKIHLDFLKSD
;
_entity_poly.pdbx_strand_id   A
#
loop_
_chem_comp.id
_chem_comp.type
_chem_comp.name
_chem_comp.formula
9JI non-polymer Avapritinib 'C26 H27 F N10'
PEG non-polymer DI(HYDROXYETHYL)ETHER 'C4 H10 O3'
#
# COMPACT_ATOMS: atom_id res chain seq x y z
N TYR A 6 -8.71 -3.23 -34.25
CA TYR A 6 -8.73 -1.79 -34.01
C TYR A 6 -7.65 -1.05 -34.82
N GLU A 7 -8.05 0.05 -35.46
CA GLU A 7 -7.20 0.67 -36.47
C GLU A 7 -6.18 1.66 -35.91
N ILE A 8 -6.45 2.23 -34.73
CA ILE A 8 -5.57 3.22 -34.11
C ILE A 8 -4.60 2.44 -33.22
N ARG A 9 -3.34 2.30 -33.67
CA ARG A 9 -2.40 1.41 -32.99
C ARG A 9 -1.72 2.09 -31.80
N TRP A 10 -1.66 3.43 -31.79
CA TRP A 10 -1.03 4.15 -30.68
C TRP A 10 -1.87 4.08 -29.40
N ARG A 11 -3.18 3.84 -29.51
CA ARG A 11 -4.07 3.72 -28.36
C ARG A 11 -4.14 2.30 -27.81
N VAL A 12 -3.54 1.32 -28.50
CA VAL A 12 -3.48 -0.06 -28.02
C VAL A 12 -2.24 -0.24 -27.16
N ILE A 13 -2.45 -0.57 -25.88
CA ILE A 13 -1.34 -0.89 -24.99
C ILE A 13 -0.78 -2.24 -25.38
N GLU A 14 0.56 -2.37 -25.29
CA GLU A 14 1.19 -3.64 -25.60
C GLU A 14 0.76 -4.71 -24.60
N SER A 15 0.31 -5.86 -25.12
CA SER A 15 -0.23 -6.94 -24.30
C SER A 15 0.70 -8.14 -24.35
N ILE A 16 1.12 -8.61 -23.17
CA ILE A 16 1.97 -9.78 -23.07
C ILE A 16 1.18 -11.02 -22.64
N PRO A 18 1.56 -14.79 -23.26
CA PRO A 18 1.45 -16.25 -23.15
C PRO A 18 2.02 -16.95 -24.39
N ASP A 19 3.08 -17.74 -24.20
CA ASP A 19 3.80 -18.35 -25.31
C ASP A 19 3.06 -19.53 -25.89
N GLY A 20 2.56 -20.43 -25.04
CA GLY A 20 1.75 -21.55 -25.47
C GLY A 20 0.60 -21.80 -24.52
N HIS A 21 -0.34 -22.65 -24.97
CA HIS A 21 -1.50 -22.98 -24.15
C HIS A 21 -1.13 -23.63 -22.82
N GLU A 22 0.09 -24.18 -22.70
CA GLU A 22 0.45 -24.82 -21.44
C GLU A 22 0.67 -23.82 -20.30
N TYR A 23 0.95 -22.54 -20.61
CA TYR A 23 1.27 -21.56 -19.59
C TYR A 23 0.09 -20.63 -19.35
N ILE A 24 -0.38 -20.60 -18.11
CA ILE A 24 -1.55 -19.85 -17.68
C ILE A 24 -1.13 -18.90 -16.57
N TYR A 25 -1.87 -17.80 -16.46
CA TYR A 25 -1.78 -16.90 -15.33
C TYR A 25 -2.54 -17.51 -14.15
N VAL A 26 -1.87 -17.65 -13.02
CA VAL A 26 -2.49 -18.06 -11.76
C VAL A 26 -3.21 -16.83 -11.21
N ASP A 27 -4.55 -16.83 -11.31
CA ASP A 27 -5.40 -15.72 -10.87
C ASP A 27 -5.75 -15.91 -9.39
N PRO A 28 -5.31 -15.02 -8.50
CA PRO A 28 -5.56 -15.26 -7.07
C PRO A 28 -7.04 -15.25 -6.73
N MET A 29 -7.84 -14.57 -7.54
CA MET A 29 -9.28 -14.53 -7.34
C MET A 29 -9.91 -15.91 -7.53
N GLN A 30 -9.32 -16.75 -8.39
CA GLN A 30 -9.83 -18.08 -8.68
C GLN A 30 -9.33 -19.16 -7.71
N LEU A 31 -8.41 -18.82 -6.79
CA LEU A 31 -7.78 -19.82 -5.92
C LEU A 31 -8.63 -20.15 -4.69
N PRO A 32 -8.57 -21.40 -4.23
CA PRO A 32 -9.33 -21.78 -3.04
C PRO A 32 -8.86 -21.08 -1.79
N TYR A 33 -9.81 -20.92 -0.88
CA TYR A 33 -9.56 -20.35 0.43
C TYR A 33 -8.99 -21.43 1.36
N ASP A 34 -7.77 -21.21 1.88
CA ASP A 34 -7.21 -22.16 2.84
C ASP A 34 -8.00 -22.03 4.14
N SER A 35 -8.67 -23.11 4.53
CA SER A 35 -9.51 -23.08 5.73
C SER A 35 -8.72 -22.70 6.97
N ARG A 36 -7.38 -22.82 6.95
CA ARG A 36 -6.62 -22.51 8.16
C ARG A 36 -6.69 -21.03 8.52
N TRP A 37 -7.09 -20.17 7.57
CA TRP A 37 -7.29 -18.77 7.89
C TRP A 37 -8.51 -18.56 8.77
N GLU A 38 -9.45 -19.50 8.76
CA GLU A 38 -10.72 -19.25 9.42
C GLU A 38 -10.50 -19.16 10.91
N PHE A 39 -11.21 -18.23 11.53
CA PHE A 39 -11.10 -17.98 12.95
C PHE A 39 -12.54 -17.83 13.45
N PRO A 40 -12.93 -18.55 14.50
CA PRO A 40 -14.32 -18.46 14.98
C PRO A 40 -14.65 -17.04 15.40
N ARG A 41 -15.82 -16.55 14.97
CA ARG A 41 -16.28 -15.23 15.36
C ARG A 41 -16.45 -15.06 16.87
N ASP A 42 -16.73 -16.15 17.62
CA ASP A 42 -16.91 -15.95 19.05
C ASP A 42 -15.59 -15.95 19.83
N GLY A 43 -14.45 -15.94 19.15
CA GLY A 43 -13.18 -15.66 19.77
C GLY A 43 -12.65 -14.26 19.50
N LEU A 44 -13.48 -13.36 18.94
CA LEU A 44 -13.07 -12.00 18.60
C LEU A 44 -13.95 -10.99 19.34
N VAL A 45 -13.35 -10.15 20.17
CA VAL A 45 -14.05 -8.99 20.74
C VAL A 45 -13.67 -7.75 19.93
N LEU A 46 -14.68 -6.97 19.56
CA LEU A 46 -14.53 -5.75 18.80
C LEU A 46 -14.57 -4.54 19.73
N GLY A 47 -13.57 -3.67 19.63
CA GLY A 47 -13.52 -2.40 20.35
C GLY A 47 -13.52 -1.17 19.45
N ARG A 48 -12.74 -0.14 19.80
CA ARG A 48 -12.90 1.19 19.22
C ARG A 48 -12.61 1.23 17.72
N VAL A 49 -13.21 2.21 17.03
CA VAL A 49 -12.97 2.34 15.61
C VAL A 49 -11.58 2.93 15.37
N LEU A 50 -10.91 2.42 14.32
CA LEU A 50 -9.57 2.83 13.93
C LEU A 50 -9.59 3.65 12.65
N GLY A 51 -10.51 3.33 11.77
CA GLY A 51 -10.87 4.20 10.65
C GLY A 51 -12.26 3.82 10.23
N SER A 52 -12.99 4.78 9.70
CA SER A 52 -14.34 4.50 9.23
C SER A 52 -14.58 5.21 7.90
N GLY A 53 -15.59 4.75 7.19
CA GLY A 53 -16.03 5.37 5.95
C GLY A 53 -17.52 5.23 5.80
N ALA A 54 -18.06 5.61 4.63
CA ALA A 54 -19.50 5.52 4.45
C ALA A 54 -19.98 4.07 4.43
N PHE A 55 -19.15 3.16 3.91
CA PHE A 55 -19.56 1.78 3.70
C PHE A 55 -18.77 0.77 4.52
N GLY A 56 -17.84 1.20 5.38
CA GLY A 56 -16.99 0.23 6.05
C GLY A 56 -16.21 0.82 7.20
N LYS A 57 -15.52 -0.06 7.95
CA LYS A 57 -14.70 0.39 9.08
C LYS A 57 -13.63 -0.64 9.45
N VAL A 58 -12.61 -0.14 10.14
CA VAL A 58 -11.56 -0.96 10.77
C VAL A 58 -11.61 -0.68 12.25
N VAL A 59 -11.81 -1.73 13.04
CA VAL A 59 -11.87 -1.62 14.49
C VAL A 59 -10.71 -2.39 15.11
N GLU A 60 -10.36 -1.99 16.32
CA GLU A 60 -9.40 -2.73 17.10
C GLU A 60 -10.12 -3.91 17.74
N GLY A 61 -9.42 -5.04 17.80
CA GLY A 61 -9.99 -6.26 18.30
C GLY A 61 -9.03 -6.92 19.26
N THR A 62 -9.60 -7.69 20.17
CA THR A 62 -8.88 -8.70 20.93
C THR A 62 -9.25 -10.08 20.39
N ALA A 63 -8.25 -10.93 20.15
CA ALA A 63 -8.46 -12.27 19.60
C ALA A 63 -7.94 -13.32 20.60
N TYR A 64 -8.83 -14.21 21.03
CA TYR A 64 -8.50 -15.25 22.00
C TYR A 64 -8.19 -16.55 21.25
N GLY A 65 -6.96 -17.05 21.41
CA GLY A 65 -6.62 -18.32 20.83
C GLY A 65 -6.26 -18.28 19.36
N LEU A 66 -5.93 -17.11 18.83
CA LEU A 66 -5.47 -16.97 17.43
C LEU A 66 -4.02 -17.37 17.28
N SER A 67 -3.20 -17.15 18.30
CA SER A 67 -1.79 -17.50 18.31
C SER A 67 -1.48 -18.39 19.51
N ARG A 68 -0.62 -19.39 19.30
CA ARG A 68 -0.12 -20.15 20.44
C ARG A 68 0.81 -19.31 21.32
N SER A 69 1.54 -18.38 20.70
CA SER A 69 2.45 -17.51 21.45
C SER A 69 1.69 -16.48 22.30
N GLN A 70 0.62 -15.91 21.75
CA GLN A 70 -0.18 -14.85 22.38
C GLN A 70 -1.65 -15.26 22.48
N PRO A 71 -2.07 -15.90 23.59
CA PRO A 71 -3.47 -16.39 23.66
C PRO A 71 -4.50 -15.28 23.69
N VAL A 72 -4.15 -14.13 24.24
CA VAL A 72 -4.97 -12.92 24.21
C VAL A 72 -4.14 -11.87 23.50
N MET A 73 -4.54 -11.49 22.29
CA MET A 73 -3.68 -10.70 21.41
C MET A 73 -4.45 -9.55 20.79
N LYS A 74 -3.88 -8.36 20.81
CA LYS A 74 -4.50 -7.21 20.17
C LYS A 74 -4.38 -7.34 18.65
N VAL A 75 -5.48 -7.03 17.93
CA VAL A 75 -5.52 -7.10 16.46
C VAL A 75 -6.36 -5.94 15.93
N ALA A 76 -6.34 -5.78 14.60
CA ALA A 76 -7.30 -4.92 13.90
C ALA A 76 -8.22 -5.79 13.03
N VAL A 77 -9.42 -5.29 12.79
CA VAL A 77 -10.49 -6.06 12.16
C VAL A 77 -11.12 -5.19 11.08
N LYS A 78 -10.99 -5.59 9.81
CA LYS A 78 -11.61 -4.87 8.72
C LYS A 78 -12.99 -5.47 8.45
N MET A 79 -14.01 -4.61 8.42
CA MET A 79 -15.37 -5.09 8.22
C MET A 79 -16.22 -4.01 7.54
N LEU A 80 -17.36 -4.44 7.03
CA LEU A 80 -18.29 -3.56 6.36
C LEU A 80 -19.42 -3.19 7.30
N LYS A 81 -19.98 -2.00 7.09
CA LYS A 81 -21.12 -1.54 7.86
C LYS A 81 -22.42 -2.08 7.26
N PRO A 82 -23.54 -1.96 7.98
CA PRO A 82 -24.84 -2.27 7.38
C PRO A 82 -25.16 -1.44 6.14
N THR A 83 -24.68 -0.19 6.08
CA THR A 83 -24.93 0.66 4.90
C THR A 83 -24.24 0.15 3.64
N ALA A 84 -23.21 -0.69 3.77
CA ALA A 84 -22.53 -1.23 2.59
C ALA A 84 -23.47 -2.12 1.76
N ARG A 85 -23.31 -2.07 0.44
CA ARG A 85 -24.06 -2.89 -0.48
C ARG A 85 -23.20 -4.06 -0.97
N SER A 86 -23.76 -4.83 -1.92
CA SER A 86 -23.07 -6.02 -2.43
C SER A 86 -21.85 -5.68 -3.26
N SER A 87 -21.75 -4.46 -3.78
CA SER A 87 -20.52 -4.03 -4.45
C SER A 87 -19.34 -4.01 -3.47
N GLU A 88 -19.55 -3.43 -2.29
CA GLU A 88 -18.48 -3.42 -1.29
C GLU A 88 -18.22 -4.82 -0.74
N LYS A 89 -19.26 -5.67 -0.68
CA LYS A 89 -19.12 -7.03 -0.16
C LYS A 89 -18.20 -7.88 -1.05
N GLN A 90 -18.36 -7.81 -2.37
CA GLN A 90 -17.51 -8.59 -3.28
C GLN A 90 -16.06 -8.09 -3.29
N ALA A 91 -15.86 -6.79 -3.06
CA ALA A 91 -14.50 -6.25 -3.05
C ALA A 91 -13.73 -6.68 -1.80
N LEU A 92 -14.37 -6.62 -0.62
CA LEU A 92 -13.72 -7.10 0.59
C LEU A 92 -13.32 -8.56 0.46
N MET A 93 -14.18 -9.40 -0.12
CA MET A 93 -13.82 -10.79 -0.39
C MET A 93 -12.57 -10.88 -1.26
N SER A 94 -12.55 -10.13 -2.38
CA SER A 94 -11.41 -10.18 -3.29
C SER A 94 -10.14 -9.65 -2.62
N GLU A 95 -10.29 -8.65 -1.75
CA GLU A 95 -9.18 -8.18 -0.93
C GLU A 95 -8.65 -9.30 -0.03
N LEU A 96 -9.54 -10.08 0.61
CA LEU A 96 -9.07 -11.23 1.38
C LEU A 96 -8.33 -12.22 0.48
N LYS A 97 -8.83 -12.43 -0.75
CA LYS A 97 -8.18 -13.37 -1.67
C LYS A 97 -6.77 -12.90 -2.01
N ILE A 98 -6.57 -11.60 -2.22
CA ILE A 98 -5.26 -11.07 -2.55
C ILE A 98 -4.28 -11.26 -1.39
N MET A 99 -4.78 -11.13 -0.16
CA MET A 99 -3.90 -11.19 1.01
C MET A 99 -3.50 -12.62 1.37
N THR A 100 -4.44 -13.57 1.25
CA THR A 100 -4.11 -14.97 1.53
C THR A 100 -3.08 -15.53 0.56
N HIS A 101 -3.00 -15.00 -0.67
CA HIS A 101 -2.03 -15.50 -1.65
C HIS A 101 -0.74 -14.67 -1.69
N LEU A 102 -0.72 -13.45 -1.11
CA LEU A 102 0.51 -12.66 -1.15
C LEU A 102 1.63 -13.35 -0.39
N GLY A 103 1.33 -13.85 0.79
CA GLY A 103 2.37 -14.29 1.69
C GLY A 103 2.68 -13.19 2.70
N PRO A 104 3.42 -13.50 3.75
CA PRO A 104 3.74 -12.49 4.76
C PRO A 104 5.00 -11.71 4.43
N HIS A 105 5.08 -10.48 4.95
CA HIS A 105 6.29 -9.69 4.78
C HIS A 105 6.41 -8.71 5.95
N LEU A 106 7.66 -8.44 6.32
CA LEU A 106 7.95 -7.56 7.44
C LEU A 106 7.29 -6.20 7.31
N ASN A 107 7.16 -5.66 6.08
CA ASN A 107 6.66 -4.30 5.88
C ASN A 107 5.26 -4.25 5.27
N ILE A 108 4.44 -5.28 5.54
CA ILE A 108 3.02 -5.35 5.18
C ILE A 108 2.23 -5.58 6.47
N VAL A 109 1.09 -4.90 6.64
CA VAL A 109 0.25 -5.31 7.78
C VAL A 109 -0.30 -6.68 7.43
N ASN A 110 0.26 -7.71 8.07
CA ASN A 110 -0.02 -9.07 7.65
C ASN A 110 -1.41 -9.52 8.09
N LEU A 111 -1.96 -10.45 7.32
CA LEU A 111 -3.25 -11.05 7.64
C LEU A 111 -3.06 -12.12 8.71
N LEU A 112 -3.89 -12.08 9.74
CA LEU A 112 -3.84 -13.09 10.79
C LEU A 112 -4.99 -14.10 10.70
N GLY A 113 -6.15 -13.70 10.19
CA GLY A 113 -7.23 -14.62 10.04
C GLY A 113 -8.45 -13.93 9.46
N ALA A 114 -9.53 -14.69 9.35
CA ALA A 114 -10.74 -14.10 8.84
C ALA A 114 -11.93 -14.89 9.37
N CYS A 115 -13.07 -14.21 9.44
CA CYS A 115 -14.36 -14.83 9.70
C CYS A 115 -15.13 -14.72 8.40
N THR A 116 -15.30 -15.85 7.74
CA THR A 116 -15.96 -15.92 6.45
C THR A 116 -17.18 -16.80 6.47
N LYS A 117 -17.44 -17.53 7.56
CA LYS A 117 -18.31 -18.70 7.48
C LYS A 117 -19.78 -18.33 7.63
N SER A 118 -20.15 -17.43 8.54
CA SER A 118 -21.56 -17.16 8.80
C SER A 118 -21.96 -15.77 8.27
N GLY A 119 -21.47 -14.70 8.86
CA GLY A 119 -21.99 -13.40 8.53
C GLY A 119 -21.07 -12.65 7.58
N PRO A 120 -21.07 -11.33 7.69
CA PRO A 120 -20.16 -10.52 6.86
C PRO A 120 -18.72 -10.96 7.08
N ILE A 121 -17.88 -10.57 6.13
CA ILE A 121 -16.47 -10.92 6.20
C ILE A 121 -15.81 -10.05 7.26
N TYR A 122 -14.99 -10.68 8.10
CA TYR A 122 -14.04 -9.96 8.93
C TYR A 122 -12.66 -10.32 8.40
N ILE A 123 -11.83 -9.32 8.19
CA ILE A 123 -10.42 -9.56 7.90
C ILE A 123 -9.64 -9.12 9.12
N ILE A 124 -8.89 -10.05 9.70
CA ILE A 124 -8.17 -9.82 10.94
C ILE A 124 -6.71 -9.59 10.58
N ILE A 125 -6.20 -8.40 10.93
CA ILE A 125 -4.86 -7.98 10.55
C ILE A 125 -4.10 -7.56 11.79
N GLU A 126 -2.77 -7.61 11.69
CA GLU A 126 -2.01 -7.27 12.88
C GLU A 126 -2.20 -5.79 13.23
N TYR A 127 -2.15 -5.50 14.53
CA TYR A 127 -2.36 -4.15 15.05
C TYR A 127 -1.03 -3.43 15.11
N CYS A 128 -1.02 -2.17 14.69
CA CYS A 128 0.20 -1.38 14.58
C CYS A 128 0.14 -0.26 15.61
N PHE A 129 1.02 -0.33 16.61
CA PHE A 129 0.81 0.42 17.84
C PHE A 129 0.69 1.93 17.62
N TYR A 130 1.36 2.47 16.60
CA TYR A 130 1.50 3.92 16.43
C TYR A 130 0.54 4.54 15.42
N GLY A 131 -0.24 3.75 14.67
CA GLY A 131 -1.15 4.37 13.72
C GLY A 131 -0.46 4.75 12.42
N ASP A 132 -1.15 5.57 11.63
CA ASP A 132 -0.66 5.90 10.30
C ASP A 132 0.47 6.92 10.35
N LEU A 133 1.19 7.00 9.25
CA LEU A 133 2.36 7.88 9.18
C LEU A 133 1.96 9.35 9.12
N VAL A 134 0.77 9.68 8.60
CA VAL A 134 0.39 11.10 8.53
C VAL A 134 0.13 11.66 9.92
N ASN A 135 -0.66 10.98 10.75
CA ASN A 135 -0.89 11.48 12.11
C ASN A 135 0.41 11.45 12.92
N TYR A 136 1.22 10.42 12.73
CA TYR A 136 2.50 10.33 13.44
C TYR A 136 3.38 11.52 13.12
N LEU A 137 3.50 11.89 11.83
CA LEU A 137 4.36 13.01 11.48
C LEU A 137 3.78 14.36 11.95
N HIS A 138 2.46 14.51 11.94
CA HIS A 138 1.87 15.70 12.54
C HIS A 138 2.22 15.79 14.03
N LYS A 139 2.08 14.67 14.74
CA LYS A 139 2.32 14.65 16.17
C LYS A 139 3.73 15.12 16.52
N ASN A 140 4.72 14.79 15.68
CA ASN A 140 6.14 14.98 16.00
C ASN A 140 6.75 16.22 15.34
N ARG A 141 5.93 17.01 14.62
CA ARG A 141 6.47 18.15 13.88
C ARG A 141 7.35 19.04 14.76
N ASP A 142 6.85 19.44 15.93
CA ASP A 142 7.61 20.37 16.78
C ASP A 142 8.91 19.74 17.28
N SER A 143 8.89 18.43 17.60
CA SER A 143 10.09 17.75 18.08
C SER A 143 11.21 17.73 17.04
N PHE A 144 10.87 17.40 15.79
CA PHE A 144 11.85 17.41 14.70
C PHE A 144 12.59 18.75 14.63
N LEU A 145 11.89 19.86 14.77
CA LEU A 145 12.48 21.16 14.55
C LEU A 145 12.82 21.85 15.87
N LEU A 169 11.28 13.00 16.63
CA LEU A 169 11.83 12.25 15.49
C LEU A 169 13.10 12.91 15.01
N THR A 170 13.88 12.17 14.23
CA THR A 170 15.06 12.70 13.55
C THR A 170 14.97 12.45 12.04
N LEU A 171 15.97 12.95 11.32
CA LEU A 171 16.01 12.78 9.87
C LEU A 171 16.29 11.33 9.47
N LEU A 172 17.15 10.66 10.22
CA LEU A 172 17.44 9.26 9.90
C LEU A 172 16.17 8.41 9.96
N ASP A 173 15.28 8.70 10.93
CA ASP A 173 13.99 8.00 11.03
C ASP A 173 13.21 8.12 9.73
N LEU A 174 13.17 9.34 9.16
CA LEU A 174 12.49 9.55 7.89
C LEU A 174 13.11 8.70 6.78
N LEU A 175 14.44 8.63 6.72
CA LEU A 175 15.08 7.74 5.75
C LEU A 175 14.67 6.30 5.99
N SER A 176 14.68 5.87 7.27
CA SER A 176 14.31 4.49 7.59
C SER A 176 12.88 4.18 7.14
N PHE A 177 11.94 5.10 7.36
CA PHE A 177 10.60 4.91 6.84
C PHE A 177 10.62 4.75 5.33
N THR A 178 11.47 5.55 4.65
CA THR A 178 11.56 5.54 3.19
C THR A 178 12.15 4.23 2.66
N TYR A 179 13.07 3.63 3.40
CA TYR A 179 13.66 2.37 2.98
C TYR A 179 12.66 1.23 3.13
N GLN A 180 11.99 1.19 4.29
CA GLN A 180 11.08 0.08 4.55
C GLN A 180 9.93 0.07 3.56
N VAL A 181 9.38 1.25 3.22
CA VAL A 181 8.32 1.23 2.21
C VAL A 181 8.88 0.73 0.89
N ALA A 182 10.12 1.12 0.57
CA ALA A 182 10.76 0.60 -0.64
C ALA A 182 10.79 -0.94 -0.60
N ARG A 183 11.22 -1.53 0.52
CA ARG A 183 11.25 -2.99 0.58
C ARG A 183 9.83 -3.56 0.51
N GLY A 184 8.89 -2.96 1.23
CA GLY A 184 7.50 -3.42 1.14
C GLY A 184 7.00 -3.47 -0.27
N MET A 185 7.21 -2.37 -1.01
CA MET A 185 6.73 -2.28 -2.39
C MET A 185 7.46 -3.26 -3.30
N GLU A 186 8.78 -3.46 -3.08
CA GLU A 186 9.54 -4.45 -3.83
C GLU A 186 8.89 -5.82 -3.70
N PHE A 187 8.49 -6.18 -2.47
CA PHE A 187 7.82 -7.44 -2.21
C PHE A 187 6.49 -7.54 -2.97
N LEU A 188 5.70 -6.46 -2.97
CA LEU A 188 4.42 -6.47 -3.68
C LEU A 188 4.64 -6.65 -5.18
N ALA A 189 5.57 -5.86 -5.76
CA ALA A 189 5.77 -5.95 -7.21
C ALA A 189 6.31 -7.32 -7.62
N SER A 190 7.01 -8.00 -6.73
CA SER A 190 7.53 -9.32 -7.05
C SER A 190 6.42 -10.35 -7.08
N LYS A 191 5.33 -10.10 -6.35
CA LYS A 191 4.12 -10.91 -6.40
C LYS A 191 3.13 -10.41 -7.47
N ASN A 192 3.58 -9.50 -8.35
CA ASN A 192 2.77 -8.96 -9.45
C ASN A 192 1.51 -8.25 -8.92
N CYS A 193 1.63 -7.63 -7.75
CA CYS A 193 0.52 -6.98 -7.08
C CYS A 193 0.67 -5.47 -7.21
N VAL A 194 -0.32 -4.81 -7.82
CA VAL A 194 -0.31 -3.35 -7.94
C VAL A 194 -1.20 -2.77 -6.84
N HIS A 195 -0.60 -1.94 -5.95
CA HIS A 195 -1.30 -1.44 -4.77
C HIS A 195 -2.36 -0.42 -5.13
N ARG A 196 -2.02 0.51 -6.02
CA ARG A 196 -2.91 1.54 -6.56
C ARG A 196 -3.33 2.61 -5.55
N ASP A 197 -2.92 2.54 -4.27
CA ASP A 197 -3.21 3.61 -3.34
C ASP A 197 -2.08 3.81 -2.33
N LEU A 198 -0.84 3.69 -2.77
CA LEU A 198 0.29 3.94 -1.90
C LEU A 198 0.32 5.41 -1.50
N ALA A 199 0.25 5.68 -0.20
CA ALA A 199 0.17 7.05 0.30
C ALA A 199 0.52 7.02 1.78
N ALA A 200 0.94 8.16 2.33
CA ALA A 200 1.34 8.14 3.73
C ALA A 200 0.21 7.70 4.65
N ARG A 201 -1.05 8.01 4.28
CA ARG A 201 -2.14 7.56 5.14
C ARG A 201 -2.24 6.04 5.17
N ASN A 202 -1.62 5.36 4.21
CA ASN A 202 -1.68 3.90 4.15
C ASN A 202 -0.36 3.25 4.53
N VAL A 203 0.49 3.97 5.26
CA VAL A 203 1.70 3.46 5.88
C VAL A 203 1.51 3.57 7.38
N LEU A 204 1.63 2.43 8.08
CA LEU A 204 1.51 2.34 9.54
C LEU A 204 2.87 2.02 10.15
N LEU A 205 3.01 2.31 11.45
CA LEU A 205 4.23 2.09 12.23
C LEU A 205 3.99 1.07 13.34
N ALA A 206 4.80 -0.01 13.36
CA ALA A 206 4.63 -1.11 14.30
C ALA A 206 5.50 -0.89 15.53
N GLN A 207 5.68 -1.93 16.36
CA GLN A 207 6.26 -1.74 17.69
C GLN A 207 7.72 -1.26 17.62
N GLY A 208 8.54 -1.84 16.74
CA GLY A 208 9.94 -1.44 16.68
C GLY A 208 10.26 -0.41 15.61
N LYS A 209 9.44 0.65 15.53
CA LYS A 209 9.52 1.60 14.42
C LYS A 209 9.57 0.88 13.07
N ILE A 210 8.86 -0.26 12.97
CA ILE A 210 8.77 -1.02 11.73
C ILE A 210 7.62 -0.48 10.92
N VAL A 211 7.89 -0.19 9.64
CA VAL A 211 6.94 0.43 8.74
C VAL A 211 6.13 -0.64 8.00
N LYS A 212 4.79 -0.49 7.99
CA LYS A 212 3.89 -1.51 7.45
C LYS A 212 2.92 -0.88 6.46
N ILE A 213 2.87 -1.43 5.24
CA ILE A 213 1.90 -0.99 4.24
C ILE A 213 0.56 -1.68 4.48
N CYS A 214 -0.52 -0.93 4.32
CA CYS A 214 -1.87 -1.46 4.56
C CYS A 214 -2.83 -1.00 3.46
N ASP A 215 -4.10 -1.32 3.68
CA ASP A 215 -5.22 -1.06 2.78
C ASP A 215 -5.02 -1.61 1.38
N PHE A 216 -5.34 -2.90 1.17
CA PHE A 216 -5.36 -3.53 -0.14
C PHE A 216 -6.75 -3.51 -0.79
N GLY A 217 -7.58 -2.51 -0.44
CA GLY A 217 -8.92 -2.42 -1.00
C GLY A 217 -8.91 -2.21 -2.51
N LEU A 218 -8.10 -1.28 -2.98
CA LEU A 218 -7.95 -0.99 -4.40
C LEU A 218 -6.86 -1.82 -5.07
N ALA A 219 -6.28 -2.79 -4.37
CA ALA A 219 -5.17 -3.55 -4.93
C ALA A 219 -5.70 -4.57 -5.92
N ARG A 220 -4.98 -4.73 -7.03
CA ARG A 220 -5.36 -5.67 -8.08
C ARG A 220 -4.11 -6.40 -8.54
N ASP A 221 -4.24 -7.68 -8.89
CA ASP A 221 -3.17 -8.32 -9.62
C ASP A 221 -2.97 -7.60 -10.96
N ILE A 222 -1.72 -7.61 -11.46
CA ILE A 222 -1.42 -6.90 -12.70
C ILE A 222 -2.15 -7.51 -13.89
N MET A 223 -2.41 -8.81 -13.85
CA MET A 223 -3.16 -9.42 -14.94
C MET A 223 -4.68 -9.33 -14.73
N HIS A 224 -5.16 -8.70 -13.65
CA HIS A 224 -6.59 -8.64 -13.38
C HIS A 224 -7.34 -7.82 -14.44
N ASP A 225 -6.83 -6.63 -14.77
CA ASP A 225 -7.55 -5.69 -15.65
C ASP A 225 -7.74 -6.22 -17.07
N SER A 226 -6.94 -7.19 -17.53
CA SER A 226 -7.12 -7.82 -18.83
C SER A 226 -8.01 -9.08 -18.80
N ASN A 227 -7.88 -9.89 -17.74
CA ASN A 227 -8.51 -11.22 -17.72
C ASN A 227 -9.98 -11.16 -17.29
N TYR A 228 -10.31 -10.38 -16.25
CA TYR A 228 -11.68 -10.20 -15.77
C TYR A 228 -11.95 -8.70 -15.76
N VAL A 229 -12.33 -8.15 -16.92
CA VAL A 229 -12.37 -6.70 -17.13
C VAL A 229 -13.73 -6.18 -16.66
N SER A 230 -13.71 -5.53 -15.49
CA SER A 230 -14.80 -4.79 -14.87
C SER A 230 -14.20 -4.04 -13.69
N LYS A 231 -14.29 -2.71 -13.69
CA LYS A 231 -13.50 -1.91 -12.75
C LYS A 231 -14.33 -0.83 -12.07
N GLY A 232 -14.11 0.42 -12.46
CA GLY A 232 -14.94 1.52 -12.03
C GLY A 232 -14.91 1.86 -10.55
N SER A 233 -13.73 1.96 -9.96
CA SER A 233 -13.63 2.63 -8.67
C SER A 233 -14.12 4.06 -8.86
N THR A 234 -14.96 4.54 -7.95
CA THR A 234 -15.64 5.81 -8.19
C THR A 234 -14.82 7.02 -7.75
N PHE A 235 -14.13 6.92 -6.61
CA PHE A 235 -13.31 8.00 -6.10
C PHE A 235 -11.87 7.52 -6.03
N LEU A 236 -10.96 8.28 -6.63
CA LEU A 236 -9.58 7.88 -6.78
C LEU A 236 -8.62 8.86 -6.09
N PRO A 237 -7.46 8.41 -5.69
CA PRO A 237 -6.48 9.31 -5.04
C PRO A 237 -5.67 10.14 -6.03
N VAL A 238 -6.35 11.07 -6.69
CA VAL A 238 -5.79 11.75 -7.88
C VAL A 238 -4.39 12.29 -7.62
N LYS A 239 -4.20 12.97 -6.47
CA LYS A 239 -2.91 13.61 -6.20
C LYS A 239 -1.79 12.60 -5.97
N TRP A 240 -2.11 11.31 -5.85
CA TRP A 240 -1.08 10.28 -5.72
C TRP A 240 -0.86 9.51 -7.01
N MET A 241 -1.65 9.79 -8.06
CA MET A 241 -1.73 8.90 -9.21
C MET A 241 -0.85 9.42 -10.33
N ALA A 242 -0.28 8.47 -11.09
CA ALA A 242 0.54 8.80 -12.23
C ALA A 242 -0.33 9.25 -13.41
N PRO A 243 0.21 10.12 -14.30
CA PRO A 243 -0.55 10.59 -15.47
C PRO A 243 -1.25 9.49 -16.25
N GLU A 244 -0.57 8.37 -16.54
CA GLU A 244 -1.23 7.35 -17.34
C GLU A 244 -2.30 6.59 -16.54
N SER A 245 -2.31 6.69 -15.21
CA SER A 245 -3.39 6.10 -14.43
C SER A 245 -4.63 6.97 -14.48
N ILE A 246 -4.45 8.28 -14.31
CA ILE A 246 -5.57 9.19 -14.41
C ILE A 246 -6.16 9.14 -15.82
N PHE A 247 -5.31 9.37 -16.82
CA PHE A 247 -5.81 9.56 -18.19
C PHE A 247 -6.13 8.24 -18.89
N ASP A 248 -5.38 7.16 -18.64
CA ASP A 248 -5.56 5.91 -19.38
C ASP A 248 -6.01 4.71 -18.55
N ASN A 249 -6.29 4.88 -17.26
CA ASN A 249 -6.70 3.76 -16.40
C ASN A 249 -5.65 2.63 -16.41
N LEU A 250 -4.39 3.02 -16.57
CA LEU A 250 -3.26 2.09 -16.54
C LEU A 250 -2.64 2.06 -15.15
N TYR A 251 -2.74 0.92 -14.48
CA TYR A 251 -2.10 0.73 -13.18
C TYR A 251 -1.04 -0.35 -13.31
N THR A 252 0.21 0.03 -13.06
CA THR A 252 1.33 -0.90 -13.10
C THR A 252 2.15 -0.67 -11.85
N THR A 253 3.17 -1.52 -11.67
CA THR A 253 4.18 -1.21 -10.67
C THR A 253 4.75 0.18 -10.92
N LEU A 254 4.93 0.56 -12.18
CA LEU A 254 5.53 1.85 -12.47
C LEU A 254 4.64 3.01 -12.04
N SER A 255 3.31 2.84 -12.05
CA SER A 255 2.46 3.89 -11.47
C SER A 255 2.49 3.86 -9.94
N ASP A 256 2.71 2.67 -9.34
CA ASP A 256 2.97 2.63 -7.90
C ASP A 256 4.22 3.45 -7.53
N VAL A 257 5.24 3.44 -8.40
CA VAL A 257 6.48 4.15 -8.12
C VAL A 257 6.25 5.66 -8.09
N TRP A 258 5.43 6.17 -9.03
CA TRP A 258 4.98 7.56 -8.94
C TRP A 258 4.34 7.85 -7.58
N SER A 259 3.46 6.96 -7.13
CA SER A 259 2.84 7.19 -5.83
C SER A 259 3.89 7.19 -4.74
N TYR A 260 4.91 6.35 -4.91
CA TYR A 260 5.97 6.30 -3.91
C TYR A 260 6.73 7.63 -3.87
N GLY A 261 6.92 8.25 -5.03
CA GLY A 261 7.44 9.61 -5.03
C GLY A 261 6.56 10.57 -4.24
N ILE A 262 5.25 10.50 -4.44
CA ILE A 262 4.36 11.38 -3.69
C ILE A 262 4.45 11.05 -2.20
N LEU A 263 4.60 9.76 -1.87
CA LEU A 263 4.73 9.37 -0.47
C LEU A 263 5.96 9.99 0.14
N LEU A 264 7.06 9.98 -0.63
CA LEU A 264 8.30 10.58 -0.14
C LEU A 264 8.11 12.06 0.17
N TRP A 265 7.44 12.78 -0.74
CA TRP A 265 7.14 14.19 -0.50
C TRP A 265 6.37 14.38 0.80
N GLU A 266 5.37 13.52 1.04
CA GLU A 266 4.59 13.57 2.28
C GLU A 266 5.48 13.43 3.50
N ILE A 267 6.39 12.46 3.47
CA ILE A 267 7.20 12.14 4.65
C ILE A 267 8.16 13.28 4.98
N PHE A 268 8.81 13.84 3.95
CA PHE A 268 9.81 14.88 4.16
C PHE A 268 9.22 16.28 4.22
N SER A 269 7.92 16.43 3.98
CA SER A 269 7.23 17.64 4.40
C SER A 269 6.56 17.45 5.75
N LEU A 270 6.84 16.30 6.41
CA LEU A 270 6.38 16.02 7.78
C LEU A 270 4.86 16.01 7.87
N GLY A 271 4.23 15.29 6.93
CA GLY A 271 2.78 15.15 6.91
C GLY A 271 2.05 16.18 6.07
N GLY A 272 2.68 16.72 5.01
CA GLY A 272 2.07 17.78 4.22
C GLY A 272 1.11 17.25 3.17
N THR A 273 0.18 18.13 2.78
CA THR A 273 -0.78 17.78 1.73
C THR A 273 -0.15 17.99 0.35
N PRO A 274 -0.13 16.97 -0.50
CA PRO A 274 0.46 17.15 -1.84
C PRO A 274 -0.24 18.24 -2.62
N TYR A 275 0.53 18.87 -3.53
CA TYR A 275 0.09 20.02 -4.31
C TYR A 275 -0.74 20.96 -3.44
N PRO A 276 -0.17 21.49 -2.35
CA PRO A 276 -0.98 22.28 -1.41
C PRO A 276 -1.56 23.51 -2.11
N GLY A 277 -2.84 23.76 -1.86
CA GLY A 277 -3.56 24.90 -2.43
C GLY A 277 -4.01 24.72 -3.86
N MET A 278 -3.86 23.53 -4.44
CA MET A 278 -4.26 23.29 -5.83
C MET A 278 -5.49 22.39 -5.85
N MET A 279 -6.60 22.93 -6.32
CA MET A 279 -7.75 22.08 -6.55
C MET A 279 -7.48 21.21 -7.78
N VAL A 280 -8.05 20.01 -7.76
CA VAL A 280 -7.99 19.10 -8.90
C VAL A 280 -9.04 19.55 -9.91
N ASP A 281 -8.59 20.05 -11.05
CA ASP A 281 -9.53 20.54 -12.06
C ASP A 281 -8.83 20.49 -13.42
N SER A 282 -9.46 21.12 -14.41
CA SER A 282 -8.89 21.17 -15.76
C SER A 282 -7.45 21.66 -15.73
N THR A 283 -7.22 22.80 -15.07
CA THR A 283 -5.87 23.37 -15.02
C THR A 283 -4.90 22.45 -14.28
N PHE A 284 -5.35 21.77 -13.21
CA PHE A 284 -4.44 20.85 -12.52
C PHE A 284 -3.99 19.72 -13.45
N TYR A 285 -4.95 19.10 -14.15
CA TYR A 285 -4.63 18.00 -15.06
C TYR A 285 -3.76 18.48 -16.23
N ASN A 286 -4.09 19.64 -16.78
CA ASN A 286 -3.20 20.31 -17.74
C ASN A 286 -1.78 20.50 -17.18
N LYS A 287 -1.65 20.86 -15.90
CA LYS A 287 -0.32 21.16 -15.37
C LYS A 287 0.51 19.88 -15.21
N ILE A 288 -0.11 18.84 -14.66
CA ILE A 288 0.57 17.55 -14.47
C ILE A 288 1.01 16.97 -15.80
N LYS A 289 0.12 17.03 -16.80
CA LYS A 289 0.44 16.47 -18.10
C LYS A 289 1.57 17.24 -18.79
N SER A 290 1.66 18.55 -18.54
CA SER A 290 2.70 19.37 -19.14
C SER A 290 4.05 19.10 -18.52
N GLY A 291 4.08 18.56 -17.31
CA GLY A 291 5.35 18.26 -16.71
C GLY A 291 5.48 18.94 -15.37
N TYR A 292 4.39 19.52 -14.88
CA TYR A 292 4.48 20.18 -13.59
C TYR A 292 4.79 19.16 -12.50
N ARG A 293 5.69 19.54 -11.60
CA ARG A 293 6.02 18.70 -10.44
C ARG A 293 6.09 19.58 -9.20
N MET A 294 5.93 18.94 -8.04
CA MET A 294 6.02 19.63 -6.76
C MET A 294 7.48 20.08 -6.53
N ALA A 295 7.64 21.21 -5.84
CA ALA A 295 8.94 21.76 -5.45
C ALA A 295 9.50 20.97 -4.26
N LYS A 296 10.77 21.21 -3.93
CA LYS A 296 11.42 20.41 -2.91
C LYS A 296 10.89 20.77 -1.52
N PRO A 297 10.52 19.80 -0.69
CA PRO A 297 10.06 20.09 0.68
C PRO A 297 11.21 20.49 1.59
N ASP A 298 10.84 21.23 2.65
CA ASP A 298 11.84 21.89 3.49
C ASP A 298 12.81 20.92 4.14
N HIS A 299 12.37 19.70 4.45
CA HIS A 299 13.21 18.78 5.21
C HIS A 299 13.78 17.66 4.35
N ALA A 300 13.74 17.81 3.03
CA ALA A 300 14.38 16.87 2.12
C ALA A 300 15.72 17.44 1.64
N THR A 301 16.74 16.58 1.59
CA THR A 301 18.04 16.96 1.06
C THR A 301 18.00 17.02 -0.46
N SER A 302 19.08 17.56 -1.06
CA SER A 302 19.15 17.58 -2.51
C SER A 302 19.06 16.16 -3.07
N GLU A 303 19.74 15.20 -2.44
CA GLU A 303 19.79 13.83 -2.94
C GLU A 303 18.43 13.16 -2.85
N VAL A 304 17.67 13.43 -1.78
CA VAL A 304 16.36 12.80 -1.62
C VAL A 304 15.33 13.38 -2.58
N TYR A 305 15.44 14.68 -2.88
CA TYR A 305 14.52 15.26 -3.86
C TYR A 305 14.71 14.61 -5.22
N GLU A 306 15.95 14.26 -5.56
CA GLU A 306 16.24 13.65 -6.85
C GLU A 306 15.56 12.30 -6.98
N ILE A 307 15.36 11.59 -5.87
CA ILE A 307 14.62 10.33 -5.90
C ILE A 307 13.15 10.58 -6.23
N MET A 308 12.56 11.61 -5.62
CA MET A 308 11.17 11.92 -5.96
C MET A 308 11.06 12.31 -7.44
N VAL A 309 12.07 13.04 -7.96
CA VAL A 309 12.05 13.51 -9.35
C VAL A 309 12.10 12.33 -10.32
N LYS A 310 13.03 11.38 -10.07
CA LYS A 310 13.11 10.18 -10.89
C LYS A 310 11.79 9.43 -10.84
N CYS A 311 11.15 9.41 -9.69
CA CYS A 311 9.88 8.70 -9.55
C CYS A 311 8.77 9.31 -10.41
N TRP A 312 8.83 10.61 -10.71
CA TRP A 312 7.73 11.26 -11.43
C TRP A 312 8.08 11.50 -12.87
N ASN A 313 8.96 10.70 -13.42
CA ASN A 313 9.22 10.78 -14.84
C ASN A 313 7.91 10.54 -15.60
N SER A 314 7.71 11.32 -16.66
CA SER A 314 6.47 11.20 -17.42
C SER A 314 6.43 9.92 -18.25
N GLU A 315 7.59 9.41 -18.68
CA GLU A 315 7.65 8.12 -19.37
C GLU A 315 7.74 7.04 -18.30
N PRO A 316 6.72 6.20 -18.13
CA PRO A 316 6.75 5.25 -16.99
C PRO A 316 7.95 4.32 -17.01
N GLU A 317 8.37 3.86 -18.20
CA GLU A 317 9.45 2.88 -18.25
C GLU A 317 10.77 3.44 -17.73
N LYS A 318 10.87 4.76 -17.55
CA LYS A 318 12.10 5.40 -17.07
C LYS A 318 12.11 5.65 -15.57
N ARG A 319 11.01 5.34 -14.86
CA ARG A 319 11.01 5.45 -13.41
C ARG A 319 11.85 4.32 -12.81
N PRO A 320 12.51 4.56 -11.69
CA PRO A 320 13.31 3.51 -11.08
C PRO A 320 12.43 2.40 -10.51
N SER A 321 12.97 1.17 -10.51
CA SER A 321 12.31 0.04 -9.87
C SER A 321 12.41 0.13 -8.35
N PHE A 322 11.51 -0.60 -7.67
CA PHE A 322 11.54 -0.60 -6.21
C PHE A 322 12.80 -1.29 -5.67
N TYR A 323 13.34 -2.28 -6.38
CA TYR A 323 14.64 -2.81 -5.95
C TYR A 323 15.72 -1.75 -6.07
N HIS A 324 15.74 -1.02 -7.19
CA HIS A 324 16.72 0.04 -7.36
C HIS A 324 16.52 1.14 -6.33
N LEU A 325 15.25 1.45 -5.99
CA LEU A 325 14.98 2.49 -5.00
C LEU A 325 15.53 2.12 -3.63
N SER A 326 15.33 0.86 -3.22
CA SER A 326 15.91 0.42 -1.95
C SER A 326 17.43 0.55 -1.97
N GLU A 327 18.07 0.19 -3.08
CA GLU A 327 19.51 0.29 -3.17
C GLU A 327 19.98 1.75 -3.04
N ILE A 328 19.26 2.69 -3.65
CA ILE A 328 19.60 4.10 -3.49
C ILE A 328 19.42 4.54 -2.04
N VAL A 329 18.26 4.24 -1.46
CA VAL A 329 18.00 4.68 -0.09
C VAL A 329 18.92 3.96 0.88
N GLU A 330 19.25 2.70 0.60
CA GLU A 330 20.21 1.98 1.44
C GLU A 330 21.53 2.72 1.54
N ASN A 331 21.96 3.40 0.46
CA ASN A 331 23.21 4.15 0.51
C ASN A 331 23.09 5.32 1.49
N LEU A 332 21.92 5.95 1.55
CA LEU A 332 21.71 7.10 2.43
C LEU A 332 21.65 6.73 3.91
N LEU A 333 21.61 5.44 4.24
CA LEU A 333 21.53 5.01 5.62
C LEU A 333 22.87 4.50 6.10
N PRO A 334 23.12 4.55 7.41
CA PRO A 334 24.37 4.01 7.94
C PRO A 334 24.58 2.56 7.52
N GLY A 335 25.85 2.16 7.47
CA GLY A 335 26.19 0.89 6.87
C GLY A 335 25.62 -0.30 7.64
N GLN A 336 25.53 -0.15 8.97
CA GLN A 336 25.02 -1.24 9.78
C GLN A 336 23.52 -1.40 9.67
N TYR A 337 22.80 -0.34 9.28
CA TYR A 337 21.35 -0.42 9.16
C TYR A 337 20.95 -1.62 8.33
N LYS A 338 21.59 -1.80 7.17
CA LYS A 338 21.26 -2.96 6.33
C LYS A 338 21.39 -4.26 7.10
N LYS A 339 22.49 -4.43 7.85
CA LYS A 339 22.66 -5.68 8.61
C LYS A 339 21.59 -5.82 9.69
N SER A 340 21.29 -4.74 10.43
CA SER A 340 20.29 -4.81 11.50
C SER A 340 18.89 -4.97 10.93
N TYR A 341 18.60 -4.27 9.83
CA TYR A 341 17.30 -4.46 9.17
C TYR A 341 17.13 -5.91 8.73
N GLU A 342 18.19 -6.53 8.19
CA GLU A 342 18.07 -7.94 7.83
C GLU A 342 17.88 -8.83 9.06
N LYS A 343 18.47 -8.45 10.21
CA LYS A 343 18.29 -9.26 11.43
C LYS A 343 16.83 -9.23 11.89
N ILE A 344 16.24 -8.04 11.97
CA ILE A 344 14.81 -7.92 12.26
C ILE A 344 14.00 -8.77 11.27
N HIS A 345 14.33 -8.65 9.99
CA HIS A 345 13.55 -9.27 8.92
C HIS A 345 13.58 -10.79 9.03
N LEU A 346 14.77 -11.38 9.11
CA LEU A 346 14.87 -12.83 9.24
C LEU A 346 14.11 -13.32 10.47
N ASP A 347 14.38 -12.69 11.62
CA ASP A 347 13.72 -13.06 12.87
C ASP A 347 12.20 -13.11 12.71
N PHE A 348 11.63 -12.14 11.99
CA PHE A 348 10.19 -12.06 11.83
C PHE A 348 9.60 -13.31 11.19
N LEU A 349 10.38 -14.00 10.37
CA LEU A 349 9.92 -15.19 9.66
C LEU A 349 10.36 -16.50 10.32
N LYS A 350 10.84 -16.46 11.57
CA LYS A 350 11.38 -17.66 12.21
C LYS A 350 10.31 -18.75 12.31
C1 9JI B . -3.16 3.46 16.33
C2 9JI B . -3.97 3.33 15.18
C3 9JI B . -4.10 2.14 14.26
C4 9JI B . -3.54 0.88 14.41
C5 9JI B . -4.68 0.87 12.43
C6 9JI B . -5.11 0.26 11.21
N 9JI B . -4.24 5.28 16.16
C 9JI B . -4.71 6.60 16.56
C10 9JI B . -10.51 2.68 6.68
C11 9JI B . -10.80 1.80 5.65
C7 9JI B . -5.48 0.42 8.80
C8 9JI B . -6.81 0.21 8.14
C9 9JI B . -8.59 1.60 7.16
C12 9JI B . -12.10 1.90 4.86
C13 9JI B . -13.03 2.93 5.49
C14 9JI B . -12.79 0.54 4.81
C15 9JI B . -12.99 -0.20 5.97
C16 9JI B . -13.55 -1.47 5.92
C17 9JI B . -13.91 -1.96 4.70
C18 9JI B . -13.77 -1.26 3.53
C19 9JI B . -13.22 0.00 3.59
C20 9JI B . -9.85 0.80 5.45
C21 9JI B . -7.15 2.49 8.95
C22 9JI B . -6.82 1.84 10.29
C23 9JI B . -4.11 -1.66 11.90
C24 9JI B . -4.84 2.13 13.00
C25 9JI B . -4.66 4.55 15.12
F 9JI B . -14.34 -3.26 4.64
N1 9JI B . -3.32 4.63 16.92
N2 9JI B . -3.92 0.15 13.32
N3 9JI B . -5.66 0.95 10.15
N4 9JI B . -7.47 1.49 7.93
N5 9JI B . -9.42 2.61 7.44
N6 9JI B . -11.80 2.34 3.49
N7 9JI B . -8.74 0.68 6.19
N8 9JI B . -4.84 -1.04 10.97
N9 9JI B . -3.59 -1.19 13.07
C1 PEG C . 15.49 -1.20 12.96
O1 PEG C . 15.26 -0.89 11.59
C2 PEG C . 15.06 -0.10 13.89
O2 PEG C . 14.87 -0.61 15.21
C3 PEG C . 14.53 0.39 16.16
C4 PEG C . 14.02 -0.25 17.42
O4 PEG C . 13.22 0.64 18.19
#